data_2Y8Q
#
_entry.id   2Y8Q
#
_cell.length_a   49.026
_cell.length_b   119.918
_cell.length_c   130.150
_cell.angle_alpha   90.00
_cell.angle_beta   90.00
_cell.angle_gamma   90.00
#
_symmetry.space_group_name_H-M   'P 21 21 21'
#
loop_
_entity.id
_entity.type
_entity.pdbx_description
1 polymer "5'-AMP-ACTIVATED PROTEIN KINASE CATALYTIC SUBUNIT ALPHA-1"
2 polymer "5'-AMP-ACTIVATED PROTEIN KINASE SUBUNIT BETA-2"
3 polymer "5'-AMP-ACTIVATED PROTEIN KINASE SUBUNIT GAMMA-1"
4 non-polymer "ADENOSINE-5'-DIPHOSPHATE"
5 non-polymer 'ADENOSINE MONOPHOSPHATE'
6 water water
#
loop_
_entity_poly.entity_id
_entity_poly.type
_entity_poly.pdbx_seq_one_letter_code
_entity_poly.pdbx_strand_id
1 'polypeptide(L)'
;MSHHHHHHSGLVPRGSMAWHLGIRSQSRPNDIMAEVCRAIKQLDYEWKVVNPYYLRVRRKNPVTSTFSKMSLQLYQVDSR
TYLLDFRSIDDEITEAKSGTATPQRSGSISNYRSCQRSDSDAEAQGKPSEVSLTSSVTSLDSSPVDVAPRPGSHTIEFFE
MCANLIKNSCTVN
;
A
2 'polypeptide(L)'
;MGPYGQEMYAFRSEERFKSPPILPPHLLQVILNKDTNISCDPALLPEPNHVMLNHLYALSIKDSVMVLSATHRYKKKYVT
TLLYKPI
;
B
3 'polypeptide(L)'
;MESVAAESAPAPENEHSQETPESNSSVYTTFMKSHRCYDLIPTSSKLVVFDTSLQVKKAFFALVTNGVRAAPLWDSKKQS
FVGMLTITDFINILHRYYKSALVQIYELEEHKIETWREVYLQDSFKPLVCISPNASLFDAVSSLIRNKIHRLPVIDPESG
NTLYILTHKRILKFLKLFITEFPKPEFMSKSLEELQIGTYANIAMVRTTTPVYVALGIFVQHRVSALPVVDEKGRVVDIY
SKFDVINLAAEKTYNNLDVSVTKALQHRSHYFEGVLKCYLHETLEAIINRLVEAEVHRLVVVDEHDVVKGIVSLSDILQA
LVLTGGEKKP
;
E
#
loop_
_chem_comp.id
_chem_comp.type
_chem_comp.name
_chem_comp.formula
ADP non-polymer ADENOSINE-5'-DIPHOSPHATE 'C10 H15 N5 O10 P2'
AMP non-polymer 'ADENOSINE MONOPHOSPHATE' 'C10 H14 N5 O7 P'
#
# COMPACT_ATOMS: atom_id res chain seq x y z
N SER A 16 11.68 -7.31 -3.07
CA SER A 16 10.94 -8.60 -2.88
C SER A 16 11.00 -9.50 -4.12
N MET A 17 12.15 -10.12 -4.33
CA MET A 17 12.39 -11.01 -5.49
C MET A 17 11.70 -12.39 -5.38
N ALA A 18 12.24 -13.28 -4.55
CA ALA A 18 11.86 -14.69 -4.58
C ALA A 18 10.76 -15.12 -3.58
N TRP A 19 9.59 -15.47 -4.12
CA TRP A 19 8.42 -15.85 -3.33
C TRP A 19 8.28 -17.37 -3.27
N HIS A 20 8.19 -17.91 -2.06
CA HIS A 20 8.10 -19.35 -1.88
C HIS A 20 6.73 -19.79 -1.41
N LEU A 21 6.22 -20.85 -2.01
CA LEU A 21 4.92 -21.40 -1.62
C LEU A 21 5.06 -22.15 -0.30
N GLY A 22 4.38 -21.66 0.74
CA GLY A 22 4.37 -22.31 2.04
C GLY A 22 5.73 -22.42 2.68
N ILE A 23 5.95 -23.47 3.45
CA ILE A 23 7.25 -23.72 4.04
C ILE A 23 7.71 -25.13 3.71
N ARG A 24 9.02 -25.36 3.71
CA ARG A 24 9.57 -26.67 3.39
C ARG A 24 10.32 -27.30 4.55
N SER A 25 10.23 -28.61 4.66
CA SER A 25 10.85 -29.35 5.76
C SER A 25 11.35 -30.69 5.26
N GLN A 26 12.37 -31.22 5.94
CA GLN A 26 12.85 -32.57 5.69
C GLN A 26 12.57 -33.50 6.88
N SER A 27 11.72 -33.04 7.80
CA SER A 27 11.24 -33.83 8.94
C SER A 27 10.42 -35.03 8.46
N ARG A 28 10.21 -36.02 9.34
CA ARG A 28 9.29 -37.11 9.01
C ARG A 28 7.85 -36.56 8.81
N PRO A 29 7.23 -36.86 7.65
CA PRO A 29 5.86 -36.44 7.32
C PRO A 29 4.88 -36.60 8.48
N ASN A 30 4.91 -37.78 9.10
CA ASN A 30 4.08 -38.12 10.24
C ASN A 30 4.39 -37.24 11.44
N ASP A 31 5.66 -36.87 11.59
CA ASP A 31 6.11 -35.97 12.65
C ASP A 31 5.62 -34.56 12.37
N ILE A 32 5.51 -34.22 11.09
CA ILE A 32 5.00 -32.92 10.67
C ILE A 32 3.52 -32.80 10.99
N MET A 33 2.73 -33.77 10.50
CA MET A 33 1.28 -33.78 10.69
C MET A 33 0.90 -33.83 12.15
N ALA A 34 1.60 -34.67 12.91
CA ALA A 34 1.36 -34.83 14.34
C ALA A 34 1.65 -33.54 15.10
N GLU A 35 2.67 -32.81 14.66
CA GLU A 35 3.03 -31.57 15.33
C GLU A 35 2.09 -30.42 15.01
N VAL A 36 1.69 -30.27 13.75
CA VAL A 36 0.75 -29.20 13.41
C VAL A 36 -0.54 -29.41 14.22
N CYS A 37 -0.99 -30.66 14.29
CA CYS A 37 -2.14 -31.04 15.13
C CYS A 37 -1.96 -30.65 16.59
N ARG A 38 -0.74 -30.77 17.11
CA ARG A 38 -0.43 -30.37 18.49
C ARG A 38 -0.48 -28.85 18.65
N ALA A 39 -0.04 -28.12 17.64
CA ALA A 39 -0.06 -26.67 17.70
C ALA A 39 -1.49 -26.16 17.59
N ILE A 40 -2.27 -26.81 16.71
CA ILE A 40 -3.67 -26.47 16.48
C ILE A 40 -4.48 -26.54 17.77
N LYS A 41 -4.26 -27.61 18.54
CA LYS A 41 -5.01 -27.86 19.77
C LYS A 41 -4.56 -26.96 20.91
N GLN A 42 -3.27 -26.62 20.91
CA GLN A 42 -2.72 -25.71 21.92
C GLN A 42 -3.26 -24.29 21.71
N LEU A 43 -3.41 -23.89 20.45
CA LEU A 43 -3.94 -22.59 20.08
C LEU A 43 -5.47 -22.46 20.20
N ASP A 44 -6.12 -23.57 20.56
CA ASP A 44 -7.58 -23.65 20.71
C ASP A 44 -8.36 -23.51 19.41
N TYR A 45 -7.76 -23.97 18.32
CA TYR A 45 -8.47 -24.01 17.06
C TYR A 45 -9.28 -25.30 17.01
N GLU A 46 -10.31 -25.35 16.17
CA GLU A 46 -10.92 -26.63 15.87
C GLU A 46 -10.37 -27.10 14.53
N TRP A 47 -10.40 -28.42 14.30
CA TRP A 47 -9.89 -28.98 13.06
C TRP A 47 -10.52 -30.31 12.72
N LYS A 48 -10.45 -30.69 11.44
CA LYS A 48 -10.87 -32.02 11.00
C LYS A 48 -9.83 -32.61 10.07
N VAL A 49 -9.60 -33.91 10.20
CA VAL A 49 -8.65 -34.63 9.36
C VAL A 49 -9.39 -35.21 8.16
N VAL A 50 -9.19 -34.61 6.99
CA VAL A 50 -9.79 -35.15 5.76
C VAL A 50 -8.96 -36.33 5.26
N ASN A 51 -7.64 -36.11 5.12
CA ASN A 51 -6.64 -37.13 4.76
C ASN A 51 -5.63 -37.18 5.87
N PRO A 52 -4.74 -38.18 5.86
CA PRO A 52 -3.58 -38.03 6.73
C PRO A 52 -2.69 -36.83 6.39
N TYR A 53 -2.88 -36.20 5.23
CA TYR A 53 -2.07 -35.03 4.86
C TYR A 53 -2.86 -33.78 4.54
N TYR A 54 -4.12 -33.71 4.98
CA TYR A 54 -4.98 -32.59 4.59
C TYR A 54 -5.95 -32.27 5.73
N LEU A 55 -5.85 -31.03 6.23
CA LEU A 55 -6.63 -30.61 7.39
C LEU A 55 -7.45 -29.36 7.10
N ARG A 56 -8.65 -29.32 7.65
CA ARG A 56 -9.48 -28.14 7.60
C ARG A 56 -9.55 -27.57 9.02
N VAL A 57 -9.01 -26.36 9.23
CA VAL A 57 -9.03 -25.76 10.58
C VAL A 57 -9.89 -24.52 10.65
N ARG A 58 -10.45 -24.27 11.83
CA ARG A 58 -11.38 -23.18 12.03
C ARG A 58 -11.15 -22.51 13.37
N ARG A 59 -11.11 -21.18 13.37
CA ARG A 59 -10.74 -20.42 14.56
C ARG A 59 -11.78 -19.35 14.88
N LYS A 60 -12.02 -19.13 16.18
CA LYS A 60 -12.80 -17.97 16.61
C LYS A 60 -11.88 -16.82 16.98
N ASN A 61 -12.19 -15.64 16.45
CA ASN A 61 -11.44 -14.43 16.74
C ASN A 61 -11.77 -13.96 18.16
N PRO A 62 -10.78 -14.06 19.08
CA PRO A 62 -11.03 -13.73 20.48
C PRO A 62 -11.46 -12.28 20.70
N VAL A 63 -11.18 -11.41 19.74
CA VAL A 63 -11.55 -9.99 19.85
C VAL A 63 -12.88 -9.69 19.16
N THR A 64 -13.04 -10.16 17.92
CA THR A 64 -14.16 -9.75 17.08
C THR A 64 -15.31 -10.75 17.05
N SER A 65 -15.08 -11.95 17.59
CA SER A 65 -16.07 -13.04 17.62
C SER A 65 -16.46 -13.60 16.24
N THR A 66 -15.73 -13.19 15.20
CA THR A 66 -15.91 -13.75 13.86
C THR A 66 -15.16 -15.07 13.70
N PHE A 67 -15.57 -15.87 12.73
CA PHE A 67 -14.94 -17.17 12.47
C PHE A 67 -14.10 -17.15 11.20
N SER A 68 -13.02 -17.91 11.19
CA SER A 68 -12.14 -17.98 10.02
C SER A 68 -11.68 -19.41 9.74
N LYS A 69 -11.66 -19.78 8.46
CA LYS A 69 -11.34 -21.16 8.06
C LYS A 69 -10.16 -21.23 7.12
N MET A 70 -9.30 -22.24 7.30
CA MET A 70 -8.24 -22.51 6.33
C MET A 70 -7.93 -24.00 6.17
N SER A 71 -7.24 -24.33 5.08
CA SER A 71 -6.82 -25.69 4.78
C SER A 71 -5.32 -25.82 4.79
N LEU A 72 -4.82 -26.89 5.40
CA LEU A 72 -3.42 -27.26 5.33
C LEU A 72 -3.25 -28.58 4.57
N GLN A 73 -2.36 -28.58 3.58
CA GLN A 73 -2.09 -29.78 2.79
C GLN A 73 -0.58 -30.06 2.68
N LEU A 74 -0.17 -31.30 2.94
CA LEU A 74 1.24 -31.67 2.82
C LEU A 74 1.56 -32.23 1.44
N TYR A 75 2.66 -31.77 0.86
CA TYR A 75 3.11 -32.23 -0.45
C TYR A 75 4.53 -32.74 -0.42
N GLN A 76 4.86 -33.66 -1.33
CA GLN A 76 6.23 -34.09 -1.52
C GLN A 76 6.85 -33.34 -2.70
N VAL A 77 8.09 -32.86 -2.51
CA VAL A 77 8.84 -32.19 -3.58
C VAL A 77 10.09 -32.98 -3.97
N ASP A 78 10.89 -33.38 -2.99
CA ASP A 78 12.02 -34.28 -3.20
C ASP A 78 11.67 -35.64 -2.64
N SER A 79 12.58 -36.59 -2.78
CA SER A 79 12.49 -37.84 -2.02
C SER A 79 12.86 -37.59 -0.55
N ARG A 80 13.44 -36.42 -0.27
CA ARG A 80 13.87 -36.05 1.07
C ARG A 80 13.01 -34.92 1.66
N THR A 81 12.24 -34.24 0.80
CA THR A 81 11.71 -32.94 1.17
C THR A 81 10.19 -32.81 0.98
N TYR A 82 9.55 -32.13 1.91
CA TYR A 82 8.10 -31.91 1.90
C TYR A 82 7.73 -30.44 2.09
N LEU A 83 6.52 -30.07 1.65
CA LEU A 83 6.08 -28.69 1.64
C LEU A 83 4.67 -28.51 2.25
N LEU A 84 4.57 -27.64 3.25
CA LEU A 84 3.31 -27.37 3.89
C LEU A 84 2.58 -26.20 3.22
N ASP A 85 1.38 -26.50 2.72
CA ASP A 85 0.59 -25.54 1.98
C ASP A 85 -0.57 -25.01 2.82
N PHE A 86 -0.83 -23.71 2.71
CA PHE A 86 -1.88 -23.04 3.47
C PHE A 86 -2.86 -22.36 2.51
N ARG A 87 -4.15 -22.62 2.65
CA ARG A 87 -5.14 -22.01 1.78
C ARG A 87 -6.27 -21.39 2.60
N SER A 88 -6.50 -20.09 2.42
CA SER A 88 -7.65 -19.44 3.06
C SER A 88 -8.92 -19.95 2.42
N ILE A 89 -9.92 -20.22 3.23
CA ILE A 89 -11.21 -20.69 2.72
C ILE A 89 -12.23 -19.56 2.83
N ASP A 90 -12.88 -19.27 1.71
CA ASP A 90 -13.81 -18.13 1.62
C ASP A 90 -15.08 -18.37 2.42
N ASP A 91 -15.59 -17.29 2.98
CA ASP A 91 -16.83 -17.28 3.75
C ASP A 91 -18.02 -17.62 2.87
N GLU A 92 -18.65 -18.76 3.19
CA GLU A 92 -19.87 -19.25 2.53
C GLU A 92 -19.58 -20.04 1.25
N VAL A 147 -16.47 8.08 7.45
CA VAL A 147 -16.58 6.62 7.45
C VAL A 147 -15.32 5.96 8.01
N ALA A 148 -15.51 5.25 9.13
CA ALA A 148 -14.42 4.59 9.86
C ALA A 148 -14.51 3.05 9.76
N PRO A 149 -13.35 2.37 9.73
CA PRO A 149 -13.35 0.90 9.59
C PRO A 149 -13.68 0.19 10.89
N ARG A 150 -14.54 -0.82 10.79
CA ARG A 150 -14.81 -1.73 11.89
C ARG A 150 -13.63 -2.69 12.03
N PRO A 151 -13.48 -3.33 13.21
CA PRO A 151 -12.41 -4.33 13.37
C PRO A 151 -12.55 -5.58 12.49
N GLY A 152 -11.40 -6.10 12.06
CA GLY A 152 -11.33 -7.37 11.33
C GLY A 152 -10.96 -7.24 9.87
N SER A 153 -10.16 -8.19 9.40
CA SER A 153 -9.88 -8.36 7.97
C SER A 153 -9.60 -9.82 7.66
N HIS A 154 -10.40 -10.39 6.77
CA HIS A 154 -10.27 -11.80 6.47
C HIS A 154 -8.86 -12.12 6.00
N THR A 155 -8.28 -11.24 5.19
CA THR A 155 -6.95 -11.49 4.64
C THR A 155 -5.85 -11.42 5.69
N ILE A 156 -5.84 -10.38 6.51
CA ILE A 156 -4.81 -10.26 7.53
C ILE A 156 -4.92 -11.42 8.52
N GLU A 157 -6.14 -11.72 8.94
CA GLU A 157 -6.38 -12.76 9.93
C GLU A 157 -5.96 -14.14 9.45
N PHE A 158 -6.02 -14.36 8.14
CA PHE A 158 -5.49 -15.57 7.56
C PHE A 158 -3.98 -15.63 7.77
N PHE A 159 -3.29 -14.51 7.54
CA PHE A 159 -1.84 -14.44 7.68
C PHE A 159 -1.48 -14.71 9.12
N GLU A 160 -2.25 -14.11 10.04
CA GLU A 160 -1.97 -14.28 11.45
C GLU A 160 -2.20 -15.71 11.88
N MET A 161 -3.23 -16.34 11.35
CA MET A 161 -3.47 -17.76 11.61
C MET A 161 -2.24 -18.54 11.20
N CYS A 162 -1.87 -18.45 9.93
CA CYS A 162 -0.69 -19.15 9.43
C CYS A 162 0.55 -18.88 10.30
N ALA A 163 0.73 -17.63 10.70
CA ALA A 163 1.89 -17.23 11.47
C ALA A 163 1.91 -17.92 12.84
N ASN A 164 0.78 -17.87 13.53
CA ASN A 164 0.61 -18.51 14.83
C ASN A 164 0.94 -20.01 14.76
N LEU A 165 0.41 -20.66 13.73
CA LEU A 165 0.62 -22.08 13.48
C LEU A 165 2.05 -22.48 13.19
N ILE A 166 2.79 -21.64 12.48
CA ILE A 166 4.17 -21.93 12.19
C ILE A 166 5.00 -21.80 13.47
N LYS A 167 4.83 -20.68 14.16
CA LYS A 167 5.55 -20.41 15.42
C LYS A 167 5.40 -21.51 16.47
N ASN A 168 4.20 -22.09 16.55
CA ASN A 168 3.84 -23.01 17.63
C ASN A 168 4.02 -24.49 17.34
N SER A 169 4.35 -24.82 16.10
CA SER A 169 4.48 -26.23 15.72
C SER A 169 5.87 -26.59 15.22
N CYS A 170 6.77 -25.62 15.20
CA CYS A 170 7.80 -25.60 14.18
C CYS A 170 8.94 -24.63 14.52
N THR A 171 10.17 -25.05 14.21
CA THR A 171 11.39 -24.30 14.53
C THR A 171 12.27 -24.14 13.27
N VAL A 172 13.04 -23.06 13.20
CA VAL A 172 13.88 -22.77 12.03
C VAL A 172 15.16 -23.61 12.02
N ASN A 173 15.57 -24.05 10.83
CA ASN A 173 16.87 -24.70 10.63
C ASN A 173 17.89 -23.77 9.99
N GLY B 5 -19.79 -70.12 13.65
CA GLY B 5 -19.44 -68.75 13.17
C GLY B 5 -17.95 -68.53 13.09
N GLN B 6 -17.44 -68.36 11.87
CA GLN B 6 -15.99 -68.19 11.64
C GLN B 6 -15.51 -66.76 11.85
N GLU B 7 -14.28 -66.64 12.36
CA GLU B 7 -13.57 -65.36 12.44
C GLU B 7 -13.54 -64.67 11.07
N MET B 8 -13.76 -63.36 11.05
CA MET B 8 -13.70 -62.62 9.80
C MET B 8 -12.35 -61.95 9.62
N TYR B 9 -12.09 -61.49 8.39
CA TYR B 9 -10.76 -61.00 8.03
C TYR B 9 -10.74 -59.56 7.49
N ALA B 10 -9.57 -58.94 7.59
CA ALA B 10 -9.41 -57.52 7.29
C ALA B 10 -8.29 -57.26 6.28
N PHE B 11 -8.64 -56.58 5.20
CA PHE B 11 -7.69 -56.23 4.16
C PHE B 11 -7.54 -54.73 4.17
N ARG B 12 -6.40 -54.27 4.70
CA ARG B 12 -6.14 -52.83 4.84
C ARG B 12 -5.22 -52.36 3.74
N SER B 13 -5.69 -51.37 2.98
CA SER B 13 -4.93 -50.72 1.89
C SER B 13 -3.53 -50.29 2.33
N GLU B 14 -3.44 -49.60 3.47
CA GLU B 14 -2.17 -49.23 4.13
C GLU B 14 -1.34 -48.21 3.34
N GLU B 15 -0.84 -48.63 2.19
CA GLU B 15 0.01 -47.81 1.31
C GLU B 15 -0.79 -47.00 0.30
N ARG B 16 -2.02 -46.66 0.69
CA ARG B 16 -2.84 -45.71 -0.06
C ARG B 16 -2.31 -44.30 0.23
N PHE B 17 -1.88 -44.11 1.48
CA PHE B 17 -1.33 -42.85 1.94
C PHE B 17 0.07 -43.08 2.54
N LYS B 18 0.89 -43.83 1.80
CA LYS B 18 2.27 -44.15 2.17
C LYS B 18 3.12 -42.89 2.29
N SER B 19 2.92 -41.96 1.36
CA SER B 19 3.62 -40.68 1.36
C SER B 19 2.70 -39.56 0.85
N PRO B 20 2.95 -38.30 1.29
CA PRO B 20 2.23 -37.13 0.81
C PRO B 20 2.16 -37.08 -0.71
N PRO B 21 1.08 -36.53 -1.27
CA PRO B 21 0.98 -36.47 -2.72
C PRO B 21 2.11 -35.65 -3.35
N ILE B 22 2.48 -36.00 -4.59
CA ILE B 22 3.45 -35.22 -5.35
C ILE B 22 2.83 -33.88 -5.69
N LEU B 23 3.66 -32.86 -5.86
CA LEU B 23 3.18 -31.48 -5.87
C LEU B 23 2.17 -31.08 -6.97
N PRO B 24 2.66 -30.84 -8.21
CA PRO B 24 1.97 -29.86 -9.07
C PRO B 24 0.60 -30.23 -9.66
N PRO B 25 -0.46 -29.60 -9.12
CA PRO B 25 -1.72 -29.30 -9.80
C PRO B 25 -1.38 -28.09 -10.68
N HIS B 26 -0.15 -28.16 -11.17
CA HIS B 26 0.70 -27.02 -11.50
C HIS B 26 0.61 -25.79 -10.60
N LEU B 27 0.95 -26.03 -9.34
CA LEU B 27 1.11 -25.01 -8.34
C LEU B 27 2.59 -24.71 -8.24
N LEU B 28 2.92 -23.44 -8.40
CA LEU B 28 4.30 -23.02 -8.43
C LEU B 28 4.92 -22.79 -7.07
N GLN B 29 5.95 -23.59 -6.86
CA GLN B 29 6.82 -23.61 -5.72
C GLN B 29 7.44 -22.26 -5.46
N VAL B 30 8.02 -21.71 -6.52
CA VAL B 30 8.74 -20.45 -6.49
C VAL B 30 8.18 -19.50 -7.55
N ILE B 31 7.91 -18.27 -7.14
CA ILE B 31 7.56 -17.19 -8.06
C ILE B 31 8.58 -16.08 -7.90
N LEU B 32 9.28 -15.74 -8.99
CA LEU B 32 10.18 -14.59 -9.00
C LEU B 32 9.45 -13.33 -9.49
N ASN B 33 9.66 -12.21 -8.80
CA ASN B 33 9.00 -10.94 -9.13
C ASN B 33 9.93 -9.73 -8.99
N LYS B 34 10.80 -9.56 -9.99
CA LYS B 34 11.72 -8.41 -10.05
C LYS B 34 11.09 -7.25 -10.81
N ASP B 35 11.28 -6.03 -10.28
CA ASP B 35 10.83 -4.81 -10.96
C ASP B 35 11.72 -4.47 -12.15
N PRO B 48 -2.44 -13.56 -15.77
CA PRO B 48 -1.91 -14.00 -14.48
C PRO B 48 -1.81 -15.53 -14.43
N ASN B 49 -1.34 -16.06 -13.30
CA ASN B 49 -1.51 -17.49 -13.07
C ASN B 49 -2.78 -17.69 -12.24
N HIS B 50 -3.63 -18.57 -12.75
CA HIS B 50 -5.05 -18.57 -12.43
C HIS B 50 -5.52 -19.05 -11.07
N VAL B 51 -4.92 -20.09 -10.51
CA VAL B 51 -5.48 -20.59 -9.24
C VAL B 51 -4.48 -20.93 -8.13
N MET B 52 -3.48 -20.08 -7.99
CA MET B 52 -2.65 -20.07 -6.79
C MET B 52 -3.29 -19.09 -5.80
N LEU B 53 -4.53 -18.70 -6.10
CA LEU B 53 -5.35 -17.84 -5.26
C LEU B 53 -5.50 -18.40 -3.87
N ASN B 54 -5.49 -17.53 -2.88
CA ASN B 54 -5.81 -17.88 -1.50
C ASN B 54 -4.71 -18.71 -0.82
N HIS B 55 -3.66 -19.02 -1.56
CA HIS B 55 -2.52 -19.77 -1.04
C HIS B 55 -1.47 -18.87 -0.45
N LEU B 56 -0.79 -19.34 0.60
CA LEU B 56 0.24 -18.55 1.28
C LEU B 56 1.60 -18.61 0.60
N TYR B 57 2.17 -17.42 0.36
CA TYR B 57 3.54 -17.28 -0.12
C TYR B 57 4.31 -16.43 0.89
N ALA B 58 5.62 -16.66 0.97
CA ALA B 58 6.47 -15.93 1.88
C ALA B 58 7.83 -15.66 1.24
N LEU B 59 8.46 -14.56 1.64
CA LEU B 59 9.85 -14.28 1.29
C LEU B 59 10.75 -14.94 2.33
N SER B 60 12.02 -15.09 1.99
CA SER B 60 13.02 -15.55 2.97
C SER B 60 13.02 -14.56 4.13
N ILE B 61 13.14 -15.08 5.35
CA ILE B 61 13.21 -14.23 6.53
C ILE B 61 14.53 -13.44 6.59
N LYS B 62 14.39 -12.13 6.79
CA LYS B 62 15.52 -11.24 6.97
C LYS B 62 15.36 -10.46 8.26
N ASP B 63 16.49 -10.21 8.93
CA ASP B 63 16.56 -9.41 10.17
C ASP B 63 15.30 -9.47 11.04
N SER B 64 14.84 -10.69 11.30
CA SER B 64 13.67 -10.92 12.15
C SER B 64 12.37 -10.33 11.60
N VAL B 65 12.26 -10.22 10.28
CA VAL B 65 11.00 -9.80 9.68
C VAL B 65 10.43 -10.81 8.69
N MET B 66 9.19 -11.19 8.97
CA MET B 66 8.35 -12.03 8.12
C MET B 66 7.64 -11.24 7.04
N VAL B 67 7.61 -11.77 5.83
CA VAL B 67 6.75 -11.18 4.80
C VAL B 67 5.84 -12.25 4.21
N LEU B 68 4.57 -12.18 4.59
CA LEU B 68 3.57 -13.10 4.07
C LEU B 68 2.78 -12.41 2.96
N SER B 69 2.17 -13.20 2.08
CA SER B 69 1.56 -12.71 0.86
C SER B 69 0.56 -13.69 0.27
N ALA B 70 -0.55 -13.16 -0.25
CA ALA B 70 -1.52 -13.98 -1.00
C ALA B 70 -2.32 -13.14 -1.99
N THR B 71 -3.02 -13.78 -2.91
CA THR B 71 -3.87 -13.08 -3.86
C THR B 71 -5.31 -13.52 -3.66
N HIS B 72 -6.21 -12.55 -3.49
CA HIS B 72 -7.61 -12.84 -3.26
C HIS B 72 -8.44 -12.09 -4.27
N ARG B 73 -9.65 -12.60 -4.48
CA ARG B 73 -10.60 -12.05 -5.44
C ARG B 73 -11.65 -11.24 -4.69
N TYR B 74 -11.97 -10.07 -5.21
CA TYR B 74 -13.20 -9.39 -4.86
C TYR B 74 -13.89 -9.09 -6.17
N LYS B 75 -15.06 -9.72 -6.36
CA LYS B 75 -15.77 -9.74 -7.63
C LYS B 75 -14.80 -10.14 -8.75
N LYS B 76 -14.48 -9.22 -9.66
CA LYS B 76 -13.52 -9.52 -10.73
C LYS B 76 -12.16 -8.80 -10.56
N LYS B 77 -11.87 -8.38 -9.34
CA LYS B 77 -10.63 -7.67 -9.06
C LYS B 77 -9.77 -8.52 -8.13
N TYR B 78 -8.46 -8.43 -8.31
CA TYR B 78 -7.51 -9.29 -7.61
C TYR B 78 -6.49 -8.42 -6.95
N VAL B 79 -6.30 -8.64 -5.66
CA VAL B 79 -5.28 -7.92 -4.92
C VAL B 79 -4.32 -8.91 -4.29
N THR B 80 -3.03 -8.61 -4.42
CA THR B 80 -1.97 -9.38 -3.77
C THR B 80 -1.55 -8.57 -2.57
N THR B 81 -1.91 -9.04 -1.39
CA THR B 81 -1.58 -8.34 -0.17
C THR B 81 -0.27 -8.89 0.33
N LEU B 82 0.61 -8.01 0.79
CA LEU B 82 1.87 -8.38 1.43
C LEU B 82 1.84 -7.82 2.83
N LEU B 83 2.02 -8.69 3.83
CA LEU B 83 2.13 -8.23 5.21
C LEU B 83 3.58 -8.24 5.63
N TYR B 84 4.02 -7.13 6.23
CA TYR B 84 5.33 -7.06 6.86
C TYR B 84 5.11 -7.10 8.35
N LYS B 85 5.69 -8.11 8.99
CA LYS B 85 5.41 -8.44 10.39
C LYS B 85 6.67 -8.93 11.12
N PRO B 86 6.96 -8.35 12.30
CA PRO B 86 8.12 -8.81 13.05
C PRO B 86 7.83 -10.15 13.68
N ILE B 87 8.88 -10.82 14.18
CA ILE B 87 8.72 -12.08 14.90
C ILE B 87 9.14 -11.93 16.36
N SER C 23 -21.02 27.47 -14.99
CA SER C 23 -21.32 26.88 -16.34
C SER C 23 -22.37 25.75 -16.34
N ASN C 24 -22.13 24.73 -15.51
CA ASN C 24 -22.84 23.47 -15.55
C ASN C 24 -23.05 22.90 -14.15
N SER C 25 -24.21 22.27 -13.91
CA SER C 25 -24.36 21.26 -12.84
C SER C 25 -23.70 20.08 -13.50
N SER C 26 -22.40 19.95 -13.27
CA SER C 26 -21.51 19.33 -14.21
C SER C 26 -21.84 17.92 -14.69
N VAL C 27 -21.42 17.67 -15.92
CA VAL C 27 -21.24 16.34 -16.48
C VAL C 27 -20.29 15.55 -15.59
N TYR C 28 -19.28 16.24 -15.07
CA TYR C 28 -18.37 15.68 -14.08
C TYR C 28 -19.13 15.21 -12.85
N THR C 29 -19.85 16.13 -12.21
CA THR C 29 -20.67 15.86 -11.03
C THR C 29 -21.55 14.62 -11.21
N THR C 30 -22.30 14.58 -12.32
CA THR C 30 -23.21 13.48 -12.63
C THR C 30 -22.47 12.16 -12.76
N PHE C 31 -21.31 12.19 -13.43
CA PHE C 31 -20.51 11.01 -13.66
C PHE C 31 -20.00 10.46 -12.35
N MET C 32 -19.57 11.36 -11.47
CA MET C 32 -19.01 10.98 -10.18
C MET C 32 -20.05 10.38 -9.25
N LYS C 33 -21.28 10.89 -9.34
CA LYS C 33 -22.39 10.38 -8.52
C LYS C 33 -22.93 9.04 -9.00
N SER C 34 -22.74 8.73 -10.29
CA SER C 34 -23.27 7.50 -10.86
C SER C 34 -22.25 6.37 -11.06
N HIS C 35 -21.08 6.49 -10.44
CA HIS C 35 -20.05 5.45 -10.55
C HIS C 35 -19.53 5.08 -9.18
N ARG C 36 -19.29 3.79 -8.96
CA ARG C 36 -18.82 3.29 -7.67
C ARG C 36 -17.31 3.30 -7.65
N CYS C 37 -16.73 3.32 -6.45
CA CYS C 37 -15.29 3.30 -6.30
C CYS C 37 -14.69 2.03 -6.91
N TYR C 38 -15.44 0.94 -6.83
CA TYR C 38 -15.04 -0.33 -7.44
C TYR C 38 -14.61 -0.15 -8.89
N ASP C 39 -15.33 0.71 -9.61
CA ASP C 39 -15.07 0.94 -11.02
C ASP C 39 -13.66 1.39 -11.37
N LEU C 40 -12.98 2.04 -10.42
CA LEU C 40 -11.63 2.54 -10.71
C LEU C 40 -10.55 1.53 -10.38
N ILE C 41 -10.90 0.44 -9.70
CA ILE C 41 -9.89 -0.52 -9.28
C ILE C 41 -9.32 -1.30 -10.49
N PRO C 42 -7.98 -1.35 -10.63
CA PRO C 42 -7.44 -2.16 -11.72
C PRO C 42 -7.80 -3.63 -11.51
N THR C 43 -7.77 -4.44 -12.58
CA THR C 43 -8.00 -5.89 -12.47
C THR C 43 -7.05 -6.51 -11.46
N SER C 44 -5.83 -6.01 -11.42
CA SER C 44 -4.77 -6.60 -10.60
C SER C 44 -3.92 -5.52 -9.95
N SER C 45 -3.67 -5.66 -8.65
CA SER C 45 -2.87 -4.65 -7.94
C SER C 45 -2.19 -5.26 -6.74
N LYS C 46 -1.12 -4.65 -6.28
CA LYS C 46 -0.50 -5.13 -5.05
C LYS C 46 -0.68 -4.13 -3.94
N LEU C 47 -0.71 -4.63 -2.71
CA LEU C 47 -0.95 -3.81 -1.54
C LEU C 47 -0.01 -4.21 -0.43
N VAL C 48 0.69 -3.24 0.13
CA VAL C 48 1.62 -3.49 1.24
C VAL C 48 1.03 -3.03 2.58
N VAL C 49 1.04 -3.92 3.57
CA VAL C 49 0.47 -3.63 4.89
C VAL C 49 1.54 -3.77 5.97
N PHE C 50 1.57 -2.83 6.91
CA PHE C 50 2.51 -2.91 8.03
C PHE C 50 1.80 -3.14 9.35
N ASP C 51 2.27 -4.11 10.13
CA ASP C 51 1.86 -4.28 11.51
C ASP C 51 2.48 -3.13 12.29
N THR C 52 1.70 -2.48 13.14
CA THR C 52 2.19 -1.29 13.85
C THR C 52 3.39 -1.54 14.76
N SER C 53 3.74 -2.80 15.00
CA SER C 53 4.91 -3.13 15.81
C SER C 53 6.18 -3.31 14.96
N LEU C 54 6.09 -2.91 13.68
CA LEU C 54 7.24 -2.98 12.80
C LEU C 54 8.12 -1.77 13.02
N GLN C 55 9.43 -1.99 12.92
CA GLN C 55 10.39 -0.90 12.92
C GLN C 55 10.20 0.02 11.71
N VAL C 56 10.08 1.32 12.00
CA VAL C 56 9.90 2.37 11.00
C VAL C 56 10.98 2.35 9.91
N LYS C 57 12.23 2.13 10.33
CA LYS C 57 13.34 2.07 9.39
C LYS C 57 13.14 0.94 8.38
N LYS C 58 12.66 -0.20 8.87
CA LYS C 58 12.36 -1.36 8.04
C LYS C 58 11.15 -1.08 7.16
N ALA C 59 10.17 -0.40 7.73
CA ALA C 59 8.90 -0.10 7.06
C ALA C 59 9.15 0.75 5.82
N PHE C 60 9.86 1.84 5.99
CA PHE C 60 10.12 2.71 4.86
C PHE C 60 11.02 2.09 3.81
N PHE C 61 12.05 1.37 4.23
CA PHE C 61 12.82 0.60 3.27
C PHE C 61 11.90 -0.26 2.39
N ALA C 62 10.83 -0.81 2.98
CA ALA C 62 9.89 -1.69 2.27
C ALA C 62 9.00 -1.01 1.20
N LEU C 63 8.57 0.22 1.48
CA LEU C 63 7.85 1.06 0.52
C LEU C 63 8.64 1.18 -0.77
N VAL C 64 9.91 1.54 -0.63
CA VAL C 64 10.85 1.67 -1.75
C VAL C 64 11.01 0.35 -2.52
N THR C 65 11.26 -0.72 -1.77
CA THR C 65 11.53 -2.04 -2.33
C THR C 65 10.41 -2.51 -3.25
N ASN C 66 9.19 -2.13 -2.88
CA ASN C 66 7.98 -2.64 -3.51
C ASN C 66 7.41 -1.76 -4.60
N GLY C 67 7.94 -0.54 -4.70
CA GLY C 67 7.48 0.44 -5.69
C GLY C 67 6.11 0.96 -5.32
N VAL C 68 5.98 1.43 -4.09
CA VAL C 68 4.70 1.79 -3.49
C VAL C 68 4.86 3.08 -2.69
N ARG C 69 3.81 3.90 -2.65
CA ARG C 69 3.93 5.18 -1.99
C ARG C 69 3.22 5.24 -0.64
N ALA C 70 2.31 4.30 -0.38
CA ALA C 70 1.55 4.31 0.87
C ALA C 70 1.22 2.90 1.33
N ALA C 71 1.05 2.72 2.64
CA ALA C 71 0.79 1.41 3.22
C ALA C 71 -0.17 1.44 4.40
N PRO C 72 -1.29 0.69 4.32
CA PRO C 72 -2.19 0.56 5.48
C PRO C 72 -1.50 -0.04 6.71
N LEU C 73 -1.95 0.37 7.90
CA LEU C 73 -1.38 -0.09 9.17
C LEU C 73 -2.37 -0.94 9.96
N TRP C 74 -1.94 -2.16 10.28
CA TRP C 74 -2.75 -3.12 11.03
C TRP C 74 -2.31 -3.23 12.48
N ASP C 75 -3.26 -3.08 13.39
CA ASP C 75 -2.99 -3.20 14.83
C ASP C 75 -3.43 -4.60 15.28
N SER C 76 -2.45 -5.39 15.71
CA SER C 76 -2.69 -6.77 16.07
C SER C 76 -3.58 -6.95 17.31
N LYS C 77 -3.29 -6.21 18.40
CA LYS C 77 -4.08 -6.25 19.64
C LYS C 77 -5.56 -5.90 19.43
N LYS C 78 -5.83 -4.89 18.61
CA LYS C 78 -7.18 -4.43 18.33
C LYS C 78 -7.83 -5.19 17.19
N GLN C 79 -7.00 -5.84 16.38
CA GLN C 79 -7.43 -6.56 15.17
C GLN C 79 -8.21 -5.68 14.19
N SER C 80 -7.62 -4.53 13.84
CA SER C 80 -8.23 -3.66 12.84
C SER C 80 -7.21 -2.71 12.25
N PHE C 81 -7.55 -2.18 11.07
CA PHE C 81 -6.78 -1.11 10.47
C PHE C 81 -6.95 0.17 11.30
N VAL C 82 -5.85 0.87 11.55
CA VAL C 82 -5.88 2.06 12.40
C VAL C 82 -5.38 3.34 11.73
N GLY C 83 -4.61 3.22 10.66
CA GLY C 83 -4.01 4.39 10.00
C GLY C 83 -3.30 4.10 8.69
N MET C 84 -2.41 5.02 8.30
CA MET C 84 -1.66 4.95 7.03
C MET C 84 -0.24 5.47 7.25
N LEU C 85 0.71 4.85 6.54
CA LEU C 85 2.10 5.31 6.60
C LEU C 85 2.55 5.77 5.22
N THR C 86 2.71 7.08 5.06
CA THR C 86 3.03 7.65 3.76
C THR C 86 4.40 8.30 3.78
N ILE C 87 4.77 8.88 2.63
CA ILE C 87 6.06 9.57 2.44
C ILE C 87 6.16 10.80 3.34
N THR C 88 5.02 11.45 3.56
CA THR C 88 4.92 12.61 4.44
C THR C 88 5.33 12.24 5.87
N ASP C 89 4.95 11.04 6.29
CA ASP C 89 5.38 10.51 7.57
C ASP C 89 6.88 10.28 7.56
N PHE C 90 7.37 9.61 6.54
CA PHE C 90 8.81 9.42 6.36
C PHE C 90 9.55 10.75 6.42
N ILE C 91 8.88 11.81 5.99
CA ILE C 91 9.46 13.15 5.98
C ILE C 91 9.46 13.80 7.35
N ASN C 92 8.37 13.65 8.09
CA ASN C 92 8.27 14.09 9.47
C ASN C 92 9.29 13.40 10.38
N ILE C 93 9.43 12.10 10.17
CA ILE C 93 10.35 11.26 10.94
C ILE C 93 11.82 11.66 10.73
N LEU C 94 12.18 11.98 9.49
CA LEU C 94 13.55 12.30 9.11
C LEU C 94 13.98 13.68 9.62
N HIS C 95 13.04 14.61 9.65
CA HIS C 95 13.29 15.94 10.18
C HIS C 95 13.60 15.83 11.66
N ARG C 96 12.72 15.15 12.38
CA ARG C 96 12.90 14.84 13.80
C ARG C 96 14.18 14.07 14.11
N TYR C 97 14.55 13.16 13.22
CA TYR C 97 15.79 12.43 13.40
C TYR C 97 17.01 13.33 13.23
N TYR C 98 17.05 14.12 12.15
CA TYR C 98 18.15 15.04 11.89
C TYR C 98 18.39 16.04 13.04
N LYS C 99 17.32 16.66 13.51
CA LYS C 99 17.40 17.62 14.62
C LYS C 99 17.80 16.93 15.93
N SER C 100 17.08 15.86 16.29
CA SER C 100 17.40 15.10 17.49
C SER C 100 18.88 14.70 17.55
N ALA C 101 19.43 14.25 16.43
CA ALA C 101 20.84 13.83 16.39
C ALA C 101 21.79 14.95 16.79
N LEU C 102 21.46 16.17 16.36
CA LEU C 102 22.30 17.33 16.60
C LEU C 102 22.33 17.69 18.07
N VAL C 103 21.52 16.97 18.85
CA VAL C 103 21.37 17.24 20.27
C VAL C 103 21.51 15.92 21.05
N GLN C 104 21.93 14.89 20.30
CA GLN C 104 22.32 13.57 20.83
C GLN C 104 21.15 12.67 21.27
N ILE C 105 20.03 12.78 20.57
CA ILE C 105 18.87 11.94 20.82
C ILE C 105 18.67 11.00 19.64
N TYR C 106 18.95 9.72 19.85
CA TYR C 106 18.94 8.74 18.77
C TYR C 106 17.83 7.70 18.92
N GLU C 107 16.63 8.16 19.25
CA GLU C 107 15.50 7.28 19.55
C GLU C 107 14.88 6.69 18.28
N LEU C 108 14.41 7.60 17.42
CA LEU C 108 13.42 7.29 16.40
C LEU C 108 13.69 6.10 15.50
N GLU C 109 14.96 5.83 15.19
CA GLU C 109 15.23 4.84 14.15
C GLU C 109 15.05 3.41 14.66
N GLU C 110 15.08 3.26 15.98
CA GLU C 110 14.75 2.00 16.66
C GLU C 110 13.32 1.99 17.20
N HIS C 111 12.65 3.13 17.08
CA HIS C 111 11.21 3.24 17.35
C HIS C 111 10.41 2.21 16.56
N LYS C 112 9.25 1.82 17.09
CA LYS C 112 8.28 1.09 16.31
C LYS C 112 7.15 2.04 15.89
N ILE C 113 6.56 1.78 14.74
CA ILE C 113 5.48 2.62 14.18
C ILE C 113 4.53 3.09 15.28
N GLU C 114 4.11 2.15 16.13
CA GLU C 114 3.32 2.41 17.33
C GLU C 114 3.86 3.55 18.20
N THR C 115 5.13 3.44 18.57
CA THR C 115 5.75 4.35 19.51
C THR C 115 5.88 5.74 18.90
N TRP C 116 6.04 5.80 17.58
CA TRP C 116 6.04 7.08 16.88
C TRP C 116 4.64 7.64 16.69
N ARG C 117 3.68 6.77 16.42
CA ARG C 117 2.28 7.19 16.35
C ARG C 117 1.81 7.66 17.73
N GLU C 118 2.51 7.19 18.77
CA GLU C 118 2.28 7.63 20.14
C GLU C 118 2.98 8.97 20.41
N VAL C 119 4.07 9.22 19.69
CA VAL C 119 4.81 10.48 19.82
C VAL C 119 4.14 11.65 19.07
N TYR C 120 3.42 11.35 18.00
CA TYR C 120 2.78 12.40 17.21
C TYR C 120 1.33 12.64 17.59
N LEU C 121 0.49 11.61 17.47
CA LEU C 121 -0.96 11.82 17.60
C LEU C 121 -1.40 12.41 18.94
N GLN C 122 -1.04 11.74 20.05
CA GLN C 122 -1.32 12.24 21.41
C GLN C 122 -2.80 12.59 21.62
N ASP C 123 -3.06 13.89 21.78
CA ASP C 123 -4.41 14.42 21.93
C ASP C 123 -5.04 14.70 20.57
N SER C 124 -4.20 15.00 19.58
CA SER C 124 -4.64 15.25 18.20
C SER C 124 -5.07 13.96 17.49
N PHE C 125 -6.39 13.74 17.43
CA PHE C 125 -6.96 12.53 16.83
C PHE C 125 -6.83 12.51 15.29
N LYS C 126 -6.32 11.39 14.76
CA LYS C 126 -6.32 11.13 13.31
C LYS C 126 -6.84 9.71 12.98
N PRO C 127 -8.16 9.49 13.11
CA PRO C 127 -8.69 8.18 12.74
C PRO C 127 -8.48 7.90 11.25
N LEU C 128 -8.19 6.65 10.90
CA LEU C 128 -8.11 6.24 9.51
C LEU C 128 -9.41 6.59 8.80
N VAL C 129 -9.30 7.24 7.65
CA VAL C 129 -10.48 7.43 6.79
C VAL C 129 -10.39 6.46 5.61
N CYS C 130 -11.50 5.77 5.37
CA CYS C 130 -11.58 4.79 4.30
C CYS C 130 -12.92 4.93 3.61
N ILE C 131 -13.12 4.16 2.54
CA ILE C 131 -14.37 4.18 1.81
C ILE C 131 -14.72 2.79 1.26
N SER C 132 -16.02 2.51 1.18
CA SER C 132 -16.53 1.25 0.67
C SER C 132 -16.37 1.18 -0.85
N PRO C 133 -16.18 -0.04 -1.40
CA PRO C 133 -16.19 -0.18 -2.86
C PRO C 133 -17.54 0.19 -3.48
N ASN C 134 -18.59 0.23 -2.67
CA ASN C 134 -19.93 0.60 -3.16
C ASN C 134 -20.29 2.09 -3.05
N ALA C 135 -19.46 2.89 -2.36
CA ALA C 135 -19.70 4.32 -2.29
C ALA C 135 -19.33 4.98 -3.61
N SER C 136 -19.86 6.17 -3.84
CA SER C 136 -19.64 6.88 -5.09
C SER C 136 -18.23 7.47 -5.20
N LEU C 137 -17.85 7.77 -6.43
CA LEU C 137 -16.62 8.45 -6.71
C LEU C 137 -16.69 9.87 -6.16
N PHE C 138 -17.87 10.47 -6.21
CA PHE C 138 -18.11 11.78 -5.62
C PHE C 138 -17.84 11.78 -4.12
N ASP C 139 -18.31 10.74 -3.43
CA ASP C 139 -17.98 10.57 -2.02
C ASP C 139 -16.48 10.43 -1.81
N ALA C 140 -15.82 9.75 -2.76
CA ALA C 140 -14.37 9.55 -2.68
C ALA C 140 -13.59 10.84 -2.88
N VAL C 141 -13.99 11.65 -3.85
CA VAL C 141 -13.34 12.95 -4.09
C VAL C 141 -13.62 13.92 -2.93
N SER C 142 -14.86 13.94 -2.43
CA SER C 142 -15.18 14.77 -1.26
C SER C 142 -14.31 14.42 -0.06
N SER C 143 -14.08 13.13 0.13
CA SER C 143 -13.36 12.62 1.29
C SER C 143 -11.88 13.02 1.26
N LEU C 144 -11.25 12.90 0.09
CA LEU C 144 -9.86 13.33 -0.09
C LEU C 144 -9.71 14.81 0.22
N ILE C 145 -10.61 15.63 -0.35
CA ILE C 145 -10.56 17.11 -0.18
C ILE C 145 -10.77 17.54 1.27
N ARG C 146 -11.83 17.00 1.88
CA ARG C 146 -12.25 17.35 3.23
C ARG C 146 -11.16 17.00 4.25
N ASN C 147 -10.61 15.80 4.16
CA ASN C 147 -9.59 15.32 5.09
C ASN C 147 -8.16 15.70 4.73
N LYS C 148 -8.01 16.52 3.67
CA LYS C 148 -6.72 17.05 3.23
C LYS C 148 -5.68 15.96 3.05
N ILE C 149 -6.02 15.00 2.20
CA ILE C 149 -5.30 13.75 2.11
C ILE C 149 -5.05 13.30 0.65
N HIS C 150 -4.05 12.44 0.46
CA HIS C 150 -3.67 11.97 -0.88
C HIS C 150 -3.93 10.48 -1.11
N ARG C 151 -4.28 9.74 -0.07
CA ARG C 151 -4.55 8.30 -0.17
C ARG C 151 -5.90 7.98 0.46
N LEU C 152 -6.69 7.16 -0.21
CA LEU C 152 -8.00 6.78 0.30
C LEU C 152 -8.19 5.28 0.14
N PRO C 153 -8.01 4.52 1.22
CA PRO C 153 -8.19 3.07 1.15
C PRO C 153 -9.63 2.69 0.87
N VAL C 154 -9.82 1.78 -0.08
CA VAL C 154 -11.13 1.20 -0.36
C VAL C 154 -11.21 -0.11 0.40
N ILE C 155 -12.05 -0.14 1.44
CA ILE C 155 -12.18 -1.31 2.32
C ILE C 155 -13.55 -1.97 2.18
N ASP C 156 -13.57 -3.26 1.88
CA ASP C 156 -14.84 -4.00 1.77
C ASP C 156 -15.49 -4.12 3.14
N PRO C 157 -16.69 -3.54 3.31
CA PRO C 157 -17.29 -3.64 4.65
C PRO C 157 -17.66 -5.07 5.05
N GLU C 158 -17.76 -5.99 4.08
CA GLU C 158 -18.12 -7.38 4.37
C GLU C 158 -16.92 -8.22 4.81
N SER C 159 -15.76 -7.93 4.24
CA SER C 159 -14.51 -8.64 4.49
C SER C 159 -13.66 -7.98 5.55
N GLY C 160 -13.71 -6.65 5.60
CA GLY C 160 -12.71 -5.88 6.30
C GLY C 160 -11.43 -5.75 5.49
N ASN C 161 -11.44 -6.24 4.24
CA ASN C 161 -10.24 -6.14 3.38
C ASN C 161 -10.06 -4.79 2.68
N THR C 162 -8.83 -4.28 2.75
CA THR C 162 -8.41 -3.19 1.92
C THR C 162 -8.14 -3.72 0.52
N LEU C 163 -8.84 -3.19 -0.48
CA LEU C 163 -8.71 -3.69 -1.86
C LEU C 163 -7.70 -2.89 -2.69
N TYR C 164 -7.68 -1.58 -2.45
CA TYR C 164 -6.96 -0.66 -3.33
C TYR C 164 -6.82 0.67 -2.62
N ILE C 165 -5.77 1.42 -2.95
CA ILE C 165 -5.60 2.79 -2.47
C ILE C 165 -5.89 3.81 -3.56
N LEU C 166 -6.97 4.58 -3.38
CA LEU C 166 -7.42 5.56 -4.37
C LEU C 166 -6.61 6.87 -4.33
N THR C 167 -6.30 7.45 -5.49
CA THR C 167 -5.52 8.69 -5.58
C THR C 167 -6.07 9.69 -6.61
N HIS C 168 -5.77 10.98 -6.42
CA HIS C 168 -6.16 12.06 -7.37
C HIS C 168 -5.72 11.71 -8.79
N LYS C 169 -4.46 11.33 -8.93
CA LYS C 169 -3.94 10.98 -10.23
C LYS C 169 -4.79 9.87 -10.88
N ARG C 170 -5.10 8.83 -10.11
CA ARG C 170 -5.98 7.81 -10.62
C ARG C 170 -7.32 8.42 -11.05
N ILE C 171 -7.96 9.15 -10.13
CA ILE C 171 -9.31 9.65 -10.37
C ILE C 171 -9.39 10.58 -11.57
N LEU C 172 -8.46 11.52 -11.68
CA LEU C 172 -8.47 12.40 -12.86
C LEU C 172 -8.33 11.60 -14.15
N LYS C 173 -7.47 10.59 -14.16
CA LYS C 173 -7.28 9.81 -15.39
C LYS C 173 -8.59 9.16 -15.81
N PHE C 174 -9.29 8.60 -14.83
CA PHE C 174 -10.54 7.91 -15.08
C PHE C 174 -11.56 8.87 -15.68
N LEU C 175 -11.65 10.06 -15.08
CA LEU C 175 -12.54 11.10 -15.59
C LEU C 175 -12.22 11.47 -17.03
N LYS C 176 -10.98 11.87 -17.29
CA LYS C 176 -10.59 12.27 -18.63
C LYS C 176 -10.94 11.17 -19.63
N LEU C 177 -10.71 9.94 -19.24
CA LEU C 177 -10.87 8.81 -20.15
C LEU C 177 -12.30 8.54 -20.50
N PHE C 178 -13.20 8.55 -19.51
CA PHE C 178 -14.54 8.01 -19.70
C PHE C 178 -15.66 9.03 -19.95
N ILE C 179 -15.34 10.31 -19.91
CA ILE C 179 -16.31 11.31 -20.28
C ILE C 179 -16.08 11.70 -21.73
N THR C 180 -17.15 11.65 -22.53
CA THR C 180 -17.13 12.16 -23.88
C THR C 180 -16.62 13.59 -23.88
N GLU C 181 -15.98 13.98 -24.97
CA GLU C 181 -15.44 15.32 -25.09
C GLU C 181 -16.52 16.40 -25.15
N PHE C 182 -17.59 16.14 -25.92
CA PHE C 182 -18.42 17.26 -26.42
C PHE C 182 -19.84 17.52 -25.91
N PRO C 183 -20.34 16.76 -24.92
CA PRO C 183 -21.29 17.56 -24.14
C PRO C 183 -20.43 18.33 -23.12
N LYS C 184 -19.87 19.44 -23.60
CA LYS C 184 -18.77 20.16 -22.94
C LYS C 184 -19.25 21.42 -22.22
N PRO C 185 -18.98 21.50 -20.91
CA PRO C 185 -19.33 22.66 -20.12
C PRO C 185 -18.54 23.90 -20.57
N GLU C 186 -19.18 25.07 -20.53
CA GLU C 186 -18.50 26.31 -20.90
C GLU C 186 -17.18 26.48 -20.15
N PHE C 187 -17.15 26.05 -18.88
CA PHE C 187 -15.98 26.31 -18.04
C PHE C 187 -14.69 25.65 -18.52
N MET C 188 -14.79 24.66 -19.41
CA MET C 188 -13.60 23.99 -19.95
C MET C 188 -12.83 24.90 -20.91
N SER C 189 -13.51 25.90 -21.46
CA SER C 189 -12.87 26.85 -22.37
C SER C 189 -12.36 28.11 -21.67
N LYS C 190 -12.45 28.14 -20.34
CA LYS C 190 -12.03 29.31 -19.59
C LYS C 190 -10.66 29.04 -18.98
N SER C 191 -9.89 30.10 -18.78
CA SER C 191 -8.50 29.96 -18.34
C SER C 191 -8.34 29.78 -16.82
N LEU C 192 -7.16 29.33 -16.41
CA LEU C 192 -6.86 29.18 -14.98
C LEU C 192 -7.03 30.48 -14.22
N GLU C 193 -6.66 31.59 -14.86
CA GLU C 193 -6.89 32.94 -14.34
C GLU C 193 -8.36 33.23 -14.05
N GLU C 194 -9.24 33.05 -15.04
CA GLU C 194 -10.64 33.43 -14.83
C GLU C 194 -11.37 32.49 -13.88
N LEU C 195 -10.92 31.24 -13.81
CA LEU C 195 -11.55 30.26 -12.94
C LEU C 195 -10.93 30.28 -11.56
N GLN C 196 -9.76 30.89 -11.45
CA GLN C 196 -8.97 30.95 -10.20
C GLN C 196 -8.69 29.57 -9.62
N ILE C 197 -7.92 28.80 -10.38
CA ILE C 197 -7.52 27.47 -9.98
C ILE C 197 -6.00 27.44 -9.82
N GLY C 198 -5.55 26.97 -8.66
CA GLY C 198 -4.12 26.96 -8.30
C GLY C 198 -3.79 27.94 -7.20
N THR C 199 -2.54 27.89 -6.71
CA THR C 199 -2.05 28.78 -5.68
C THR C 199 -1.12 29.83 -6.29
N TYR C 200 -1.36 31.10 -5.96
CA TYR C 200 -0.60 32.20 -6.56
C TYR C 200 0.07 33.10 -5.56
N ALA C 201 0.21 32.62 -4.33
CA ALA C 201 0.88 33.36 -3.27
C ALA C 201 1.66 32.43 -2.37
N ASN C 202 2.70 32.98 -1.74
CA ASN C 202 3.52 32.26 -0.77
C ASN C 202 3.95 30.92 -1.32
N ILE C 203 4.46 30.92 -2.55
CA ILE C 203 4.91 29.69 -3.19
C ILE C 203 6.20 29.23 -2.54
N ALA C 204 6.14 28.10 -1.85
CA ALA C 204 7.33 27.49 -1.27
C ALA C 204 8.29 27.02 -2.37
N MET C 205 9.53 27.45 -2.28
CA MET C 205 10.54 27.27 -3.34
C MET C 205 11.92 27.11 -2.77
N VAL C 206 12.79 26.48 -3.56
CA VAL C 206 14.18 26.34 -3.20
C VAL C 206 15.06 26.89 -4.32
N ARG C 207 16.32 27.14 -4.00
CA ARG C 207 17.31 27.56 -4.98
C ARG C 207 18.24 26.41 -5.30
N THR C 208 18.85 26.49 -6.48
CA THR C 208 19.85 25.54 -6.96
C THR C 208 20.79 24.97 -5.87
N THR C 209 21.15 25.79 -4.90
CA THR C 209 22.18 25.44 -3.91
C THR C 209 21.62 25.13 -2.52
N THR C 210 20.30 25.23 -2.36
CA THR C 210 19.65 24.98 -1.07
C THR C 210 19.95 23.55 -0.62
N PRO C 211 20.42 23.39 0.64
CA PRO C 211 20.62 22.06 1.21
C PRO C 211 19.30 21.26 1.37
N VAL C 212 19.41 19.95 1.19
CA VAL C 212 18.29 19.02 1.33
C VAL C 212 17.59 19.14 2.68
N TYR C 213 18.37 19.36 3.74
CA TYR C 213 17.81 19.48 5.10
C TYR C 213 17.04 20.78 5.31
N VAL C 214 17.33 21.80 4.50
CA VAL C 214 16.51 23.01 4.51
C VAL C 214 15.21 22.71 3.76
N ALA C 215 15.33 22.05 2.61
CA ALA C 215 14.17 21.61 1.83
C ALA C 215 13.17 20.83 2.68
N LEU C 216 13.68 19.90 3.50
CA LEU C 216 12.85 19.11 4.41
C LEU C 216 12.05 20.02 5.31
N GLY C 217 12.73 21.01 5.88
CA GLY C 217 12.13 21.95 6.81
C GLY C 217 10.92 22.65 6.21
N ILE C 218 11.06 23.06 4.96
CA ILE C 218 9.98 23.65 4.20
C ILE C 218 8.82 22.66 4.01
N PHE C 219 9.17 21.41 3.69
CA PHE C 219 8.16 20.36 3.52
C PHE C 219 7.32 20.19 4.78
N VAL C 220 8.00 20.14 5.93
CA VAL C 220 7.32 19.93 7.21
C VAL C 220 6.40 21.11 7.57
N GLN C 221 6.84 22.34 7.29
CA GLN C 221 6.08 23.51 7.70
C GLN C 221 4.88 23.83 6.80
N HIS C 222 5.09 23.80 5.49
CA HIS C 222 4.03 24.17 4.54
C HIS C 222 3.13 23.02 4.08
N ARG C 223 3.46 21.78 4.46
CA ARG C 223 2.67 20.59 4.08
C ARG C 223 2.37 20.65 2.59
N VAL C 224 3.41 20.60 1.80
CA VAL C 224 3.32 20.76 0.34
C VAL C 224 4.08 19.58 -0.26
N SER C 225 3.68 19.11 -1.43
CA SER C 225 4.28 17.85 -1.86
C SER C 225 5.48 17.96 -2.80
N ALA C 226 5.68 19.14 -3.40
CA ALA C 226 6.87 19.39 -4.23
C ALA C 226 7.28 20.86 -4.21
N LEU C 227 8.58 21.10 -4.40
CA LEU C 227 9.17 22.44 -4.37
C LEU C 227 9.83 22.78 -5.69
N PRO C 228 9.46 23.92 -6.29
CA PRO C 228 10.13 24.32 -7.50
C PRO C 228 11.57 24.75 -7.19
N VAL C 229 12.49 24.36 -8.06
CA VAL C 229 13.90 24.73 -7.95
C VAL C 229 14.13 25.91 -8.90
N VAL C 230 14.62 27.03 -8.35
CA VAL C 230 14.81 28.24 -9.14
C VAL C 230 16.26 28.74 -9.18
N ASP C 231 16.58 29.56 -10.18
CA ASP C 231 17.87 30.22 -10.28
C ASP C 231 17.79 31.64 -9.73
N GLU C 232 18.83 32.44 -9.96
CA GLU C 232 18.96 33.75 -9.31
C GLU C 232 17.90 34.79 -9.74
N LYS C 233 17.37 34.66 -10.95
CA LYS C 233 16.30 35.53 -11.42
C LYS C 233 14.92 34.95 -11.07
N GLY C 234 14.90 33.79 -10.42
CA GLY C 234 13.66 33.17 -9.96
C GLY C 234 12.94 32.37 -11.03
N ARG C 235 13.71 31.89 -12.01
CA ARG C 235 13.16 31.10 -13.11
C ARG C 235 13.29 29.61 -12.80
N VAL C 236 12.28 28.83 -13.18
CA VAL C 236 12.25 27.40 -12.85
C VAL C 236 13.20 26.55 -13.70
N VAL C 237 14.07 25.78 -13.03
CA VAL C 237 15.00 24.90 -13.73
C VAL C 237 14.77 23.41 -13.43
N ASP C 238 14.16 23.13 -12.29
CA ASP C 238 13.84 21.76 -11.89
C ASP C 238 12.71 21.77 -10.83
N ILE C 239 12.36 20.57 -10.35
CA ILE C 239 11.39 20.44 -9.28
C ILE C 239 12.00 19.47 -8.26
N TYR C 240 11.88 19.81 -6.98
CA TYR C 240 12.30 18.91 -5.93
C TYR C 240 11.10 18.46 -5.10
N SER C 241 10.97 17.13 -4.99
CA SER C 241 9.76 16.50 -4.50
C SER C 241 9.95 15.67 -3.22
N LYS C 242 8.83 15.44 -2.53
CA LYS C 242 8.79 14.57 -1.36
C LYS C 242 9.20 13.12 -1.71
N PHE C 243 8.70 12.59 -2.84
CA PHE C 243 9.13 11.28 -3.35
C PHE C 243 10.66 11.24 -3.53
N ASP C 244 11.24 12.36 -3.96
CA ASP C 244 12.71 12.47 -4.06
C ASP C 244 13.33 12.22 -2.70
N VAL C 245 12.49 12.14 -1.68
CA VAL C 245 12.92 11.93 -0.30
C VAL C 245 13.07 10.44 0.04
N ILE C 246 12.04 9.64 -0.25
CA ILE C 246 12.14 8.18 -0.04
C ILE C 246 13.30 7.58 -0.84
N ASN C 247 13.96 8.40 -1.65
CA ASN C 247 15.20 7.99 -2.27
C ASN C 247 16.35 8.06 -1.28
N LEU C 248 16.17 8.84 -0.22
CA LEU C 248 17.12 8.87 0.90
C LEU C 248 16.98 7.61 1.77
N ALA C 249 16.23 6.63 1.26
CA ALA C 249 16.06 5.32 1.90
C ALA C 249 16.80 4.19 1.13
N ALA C 250 17.45 4.57 0.03
CA ALA C 250 18.33 3.66 -0.71
C ALA C 250 19.68 3.50 0.00
N GLU C 251 20.22 4.61 0.51
CA GLU C 251 21.43 4.62 1.33
C GLU C 251 21.22 3.87 2.66
N LYS C 252 22.13 2.96 2.99
CA LYS C 252 22.10 2.27 4.29
C LYS C 252 22.93 3.01 5.35
N THR C 253 22.80 4.34 5.36
CA THR C 253 23.62 5.21 6.22
C THR C 253 22.83 6.41 6.79
N TYR C 254 22.01 7.06 5.95
CA TYR C 254 21.17 8.22 6.34
C TYR C 254 21.89 9.59 6.45
N ASN C 255 23.23 9.56 6.56
CA ASN C 255 24.05 10.76 6.83
C ASN C 255 24.00 11.88 5.78
N ASN C 256 24.01 11.51 4.50
CA ASN C 256 23.98 12.47 3.39
C ASN C 256 22.77 13.38 3.41
N LEU C 257 22.92 14.58 3.99
CA LEU C 257 21.81 15.52 4.14
C LEU C 257 22.23 16.97 3.88
N ASP C 258 23.54 17.22 3.97
CA ASP C 258 24.10 18.57 3.85
C ASP C 258 24.31 19.03 2.40
N VAL C 259 23.98 18.16 1.45
CA VAL C 259 24.23 18.41 0.02
C VAL C 259 23.24 19.40 -0.60
N SER C 260 23.61 20.02 -1.71
CA SER C 260 22.73 20.93 -2.44
C SER C 260 21.63 20.14 -3.13
N VAL C 261 20.47 20.77 -3.25
CA VAL C 261 19.32 20.18 -3.91
C VAL C 261 19.68 19.71 -5.33
N THR C 262 20.50 20.50 -6.03
CA THR C 262 20.98 20.11 -7.35
C THR C 262 21.68 18.75 -7.30
N LYS C 263 22.72 18.65 -6.47
CA LYS C 263 23.53 17.43 -6.38
C LYS C 263 22.70 16.20 -6.01
N ALA C 264 21.65 16.41 -5.22
CA ALA C 264 20.77 15.32 -4.80
C ALA C 264 19.92 14.80 -5.96
N LEU C 265 19.63 15.67 -6.92
CA LEU C 265 18.83 15.30 -8.09
C LEU C 265 19.68 14.69 -9.21
N GLN C 266 20.94 14.43 -8.90
CA GLN C 266 21.80 13.69 -9.80
C GLN C 266 21.68 12.21 -9.48
N HIS C 267 21.40 11.94 -8.21
CA HIS C 267 21.20 10.58 -7.71
C HIS C 267 19.84 10.11 -8.24
N ARG C 268 19.23 10.96 -9.06
CA ARG C 268 17.93 10.69 -9.63
C ARG C 268 17.98 9.50 -10.57
N SER C 269 16.87 8.77 -10.68
CA SER C 269 16.76 7.70 -11.67
C SER C 269 15.80 8.10 -12.75
N HIS C 270 14.51 8.12 -12.42
CA HIS C 270 13.51 8.64 -13.35
C HIS C 270 12.26 9.32 -12.78
N TYR C 271 11.47 9.86 -13.72
CA TYR C 271 10.23 10.57 -13.47
C TYR C 271 10.27 11.80 -14.34
N PHE C 272 10.25 13.00 -13.68
CA PHE C 272 10.42 14.22 -14.46
C PHE C 272 9.22 15.16 -14.37
N GLU C 273 9.81 15.95 -13.48
CA GLU C 273 8.81 17.00 -13.59
C GLU C 273 9.52 18.30 -13.51
N GLY C 274 8.56 19.59 -13.73
CA GLY C 274 9.51 20.66 -13.06
C GLY C 274 9.81 21.56 -14.39
N VAL C 275 9.99 20.56 -15.24
CA VAL C 275 9.80 20.67 -16.67
C VAL C 275 8.37 20.95 -17.08
N LEU C 276 7.41 20.68 -16.19
CA LEU C 276 6.00 20.81 -16.52
C LEU C 276 5.44 22.13 -16.14
N LYS C 277 5.44 23.01 -17.12
CA LYS C 277 5.05 24.37 -16.88
C LYS C 277 3.76 24.59 -17.58
N CYS C 278 3.05 25.61 -17.16
CA CYS C 278 1.87 26.07 -17.85
C CYS C 278 1.79 27.56 -17.66
N TYR C 279 0.85 28.19 -18.35
CA TYR C 279 0.68 29.62 -18.27
C TYR C 279 -0.69 29.92 -17.66
N LEU C 280 -0.79 31.09 -17.05
CA LEU C 280 -1.99 31.54 -16.37
C LEU C 280 -3.21 31.58 -17.26
N HIS C 281 -3.00 31.57 -18.57
CA HIS C 281 -4.08 31.83 -19.49
C HIS C 281 -4.44 30.64 -20.34
N GLU C 282 -3.97 29.45 -19.97
CA GLU C 282 -4.38 28.24 -20.63
C GLU C 282 -5.74 27.78 -20.10
N THR C 283 -6.56 27.19 -20.97
CA THR C 283 -7.89 26.74 -20.56
C THR C 283 -7.82 25.48 -19.69
N LEU C 284 -8.84 25.26 -18.86
CA LEU C 284 -8.88 24.09 -17.99
C LEU C 284 -8.70 22.81 -18.80
N GLU C 285 -9.31 22.79 -19.99
CA GLU C 285 -9.21 21.61 -20.84
C GLU C 285 -7.74 21.32 -21.18
N ALA C 286 -7.00 22.34 -21.62
CA ALA C 286 -5.60 22.15 -21.98
C ALA C 286 -4.81 21.62 -20.78
N ILE C 287 -5.01 22.22 -19.60
CA ILE C 287 -4.29 21.81 -18.41
C ILE C 287 -4.62 20.37 -18.02
N ILE C 288 -5.91 20.02 -18.00
CA ILE C 288 -6.27 18.65 -17.67
C ILE C 288 -5.58 17.67 -18.61
N ASN C 289 -5.68 17.94 -19.91
CA ASN C 289 -5.02 17.09 -20.91
C ASN C 289 -3.52 16.94 -20.62
N ARG C 290 -2.83 18.04 -20.28
CA ARG C 290 -1.39 17.99 -20.03
C ARG C 290 -1.01 17.15 -18.80
N LEU C 291 -1.62 17.46 -17.66
CA LEU C 291 -1.51 16.64 -16.46
C LEU C 291 -1.74 15.13 -16.69
N VAL C 292 -2.85 14.75 -17.31
CA VAL C 292 -3.18 13.33 -17.52
C VAL C 292 -2.16 12.65 -18.47
N GLU C 293 -1.83 13.32 -19.56
CA GLU C 293 -0.91 12.79 -20.56
C GLU C 293 0.51 12.61 -20.05
N ALA C 294 1.02 13.63 -19.35
CA ALA C 294 2.38 13.64 -18.84
C ALA C 294 2.50 12.77 -17.59
N GLU C 295 1.35 12.50 -16.96
CA GLU C 295 1.25 11.63 -15.77
C GLU C 295 2.02 12.24 -14.61
N VAL C 296 1.73 13.50 -14.36
CA VAL C 296 2.47 14.33 -13.43
C VAL C 296 1.51 14.86 -12.35
N HIS C 297 2.03 15.26 -11.19
CA HIS C 297 1.17 15.58 -10.06
C HIS C 297 0.77 17.06 -9.97
N ARG C 298 1.57 17.92 -10.61
CA ARG C 298 1.32 19.37 -10.64
C ARG C 298 1.98 20.05 -11.84
N LEU C 299 1.51 21.25 -12.16
CA LEU C 299 2.16 22.10 -13.14
C LEU C 299 2.71 23.35 -12.47
N VAL C 300 3.92 23.76 -12.87
CA VAL C 300 4.47 25.03 -12.39
C VAL C 300 4.00 26.18 -13.28
N VAL C 301 3.09 27.01 -12.76
CA VAL C 301 2.56 28.16 -13.52
C VAL C 301 3.68 29.17 -13.69
N VAL C 302 3.87 29.60 -14.93
CA VAL C 302 5.01 30.43 -15.28
C VAL C 302 4.61 31.63 -16.17
N ASP C 303 5.52 32.59 -16.30
CA ASP C 303 5.28 33.79 -17.10
C ASP C 303 6.08 33.78 -18.42
N GLU C 304 5.98 34.88 -19.16
CA GLU C 304 6.68 35.09 -20.42
C GLU C 304 8.16 34.67 -20.40
N HIS C 305 8.80 34.85 -19.23
CA HIS C 305 10.24 34.65 -19.10
C HIS C 305 10.62 33.49 -18.15
N ASP C 306 9.71 32.56 -17.92
CA ASP C 306 10.00 31.38 -17.08
C ASP C 306 10.01 31.62 -15.56
N VAL C 307 9.62 32.82 -15.15
CA VAL C 307 9.55 33.18 -13.74
C VAL C 307 8.32 32.53 -13.12
N VAL C 308 8.52 31.76 -12.04
CA VAL C 308 7.40 31.05 -11.40
C VAL C 308 6.43 32.04 -10.77
N LYS C 309 5.14 31.76 -10.91
CA LYS C 309 4.06 32.64 -10.46
C LYS C 309 3.08 31.88 -9.57
N GLY C 310 3.02 30.56 -9.77
CA GLY C 310 2.17 29.70 -8.97
C GLY C 310 2.31 28.24 -9.31
N ILE C 311 1.51 27.41 -8.65
CA ILE C 311 1.43 25.98 -8.92
C ILE C 311 -0.02 25.60 -9.17
N VAL C 312 -0.24 24.65 -10.07
CA VAL C 312 -1.56 24.06 -10.22
C VAL C 312 -1.45 22.55 -10.12
N SER C 313 -2.04 21.99 -9.08
CA SER C 313 -1.83 20.59 -8.77
C SER C 313 -3.11 19.78 -9.00
N LEU C 314 -3.03 18.44 -8.94
CA LEU C 314 -4.19 17.59 -9.20
C LEU C 314 -5.34 17.85 -8.24
N SER C 315 -5.02 18.10 -6.97
CA SER C 315 -6.03 18.43 -5.96
C SER C 315 -6.77 19.70 -6.34
N ASP C 316 -6.05 20.73 -6.77
CA ASP C 316 -6.68 21.98 -7.22
C ASP C 316 -7.75 21.64 -8.23
N ILE C 317 -7.40 20.81 -9.21
CA ILE C 317 -8.31 20.48 -10.28
C ILE C 317 -9.51 19.63 -9.83
N LEU C 318 -9.26 18.65 -8.98
CA LEU C 318 -10.36 17.85 -8.46
C LEU C 318 -11.31 18.65 -7.56
N GLN C 319 -10.79 19.65 -6.86
CA GLN C 319 -11.61 20.50 -6.03
C GLN C 319 -12.49 21.34 -6.93
N ALA C 320 -11.93 21.75 -8.06
CA ALA C 320 -12.63 22.54 -9.06
C ALA C 320 -13.78 21.76 -9.70
N LEU C 321 -13.52 20.52 -10.08
CA LEU C 321 -14.53 19.70 -10.74
C LEU C 321 -15.65 19.24 -9.80
N VAL C 322 -15.38 19.23 -8.50
CA VAL C 322 -16.37 18.73 -7.57
C VAL C 322 -17.31 19.83 -7.14
N LEU C 323 -16.84 21.08 -7.23
CA LEU C 323 -17.65 22.23 -6.87
C LEU C 323 -18.20 22.89 -8.13
N THR C 324 -18.34 22.08 -9.18
CA THR C 324 -18.87 22.50 -10.48
C THR C 324 -18.08 23.68 -11.04
N GLY C 325 -16.93 23.37 -11.66
CA GLY C 325 -16.04 24.42 -12.19
C GLY C 325 -15.73 25.38 -11.05
N GLY C 326 -15.12 26.52 -11.36
CA GLY C 326 -14.77 27.52 -10.33
C GLY C 326 -13.37 27.36 -9.77
PB ADP D . 1.44 11.66 0.98
O1B ADP D . 1.90 10.35 0.35
O2B ADP D . 2.17 12.04 2.23
O3B ADP D . 1.24 12.77 -0.04
PA ADP D . -0.86 12.38 2.49
O1A ADP D . -2.27 11.86 2.46
O2A ADP D . -0.58 13.81 2.11
O3A ADP D . -0.01 11.34 1.60
O5' ADP D . -0.32 12.21 3.98
C5' ADP D . -0.78 13.17 4.95
C4' ADP D . -0.80 12.58 6.37
O4' ADP D . -2.09 12.02 6.66
C3' ADP D . 0.20 11.45 6.56
O3' ADP D . 0.75 11.61 7.87
C2' ADP D . -0.60 10.17 6.45
O2' ADP D . -0.09 9.11 7.25
C1' ADP D . -2.01 10.60 6.89
N9 ADP D . -3.03 9.88 6.10
C8 ADP D . -2.96 9.61 4.77
N7 ADP D . -4.06 8.93 4.37
C5 ADP D . -4.87 8.76 5.44
C6 ADP D . -6.19 8.13 5.68
N6 ADP D . -6.87 7.53 4.68
N1 ADP D . -6.68 8.18 6.95
C2 ADP D . -5.99 8.77 7.94
N3 ADP D . -4.78 9.36 7.78
C4 ADP D . -4.18 9.39 6.57
P AMP E . -0.35 19.18 -3.46
O1P AMP E . 0.63 18.62 -2.42
O2P AMP E . -1.65 18.42 -3.57
O3P AMP E . 0.31 19.47 -4.76
O5' AMP E . -0.79 20.63 -2.94
C5' AMP E . -1.94 20.89 -2.15
C4' AMP E . -2.23 22.40 -2.22
O4' AMP E . -1.04 23.17 -2.00
C3' AMP E . -2.73 22.81 -3.60
O3' AMP E . -3.76 23.79 -3.45
C2' AMP E . -1.52 23.41 -4.31
O2' AMP E . -1.87 24.45 -5.21
C1' AMP E . -0.68 23.93 -3.15
N9 AMP E . 0.77 23.76 -3.45
C8 AMP E . 1.38 22.73 -4.06
N7 AMP E . 2.71 22.94 -4.18
C5 AMP E . 2.98 24.14 -3.64
C6 AMP E . 4.18 24.99 -3.41
N6 AMP E . 5.42 24.60 -3.79
N1 AMP E . 3.99 26.17 -2.79
C2 AMP E . 2.78 26.62 -2.39
N3 AMP E . 1.67 25.90 -2.57
C4 AMP E . 1.70 24.68 -3.16
#